data_9RCI
#
_entry.id   9RCI
#
_cell.length_a   35.869
_cell.length_b   39.297
_cell.length_c   100.916
_cell.angle_alpha   98.30
_cell.angle_beta   90.32
_cell.angle_gamma   90.09
#
_symmetry.space_group_name_H-M   'P 1'
#
loop_
_entity.id
_entity.type
_entity.pdbx_description
1 polymer 'Flap endonuclease 1'
2 non-polymer 'MAGNESIUM ION'
3 non-polymer 1,2-ETHANEDIOL
4 non-polymer (3~{S})-13-[(1~{S})-1-(2-methylquinolin-7-yl)ethoxy]-11-oxidanyl-5-oxa-1,8-diazatricyclo[8.4.0.0^{3,8}]tetradeca-10,13-diene-9,12-dione
5 water water
#
_entity_poly.entity_id   1
_entity_poly.type   'polypeptide(L)'
_entity_poly.pdbx_seq_one_letter_code
;MGIQGLAKLIADVAPSAIRENDIKSYFGRKVAIDASMSIYQFLIAVRQGGDVLQNEEGETTSHLMGMFYRTIRMMENGIK
PVYVFDGKPPQLKSGELAKRSERRAEAEKQLQQAQAAGAEQEVEKFTKRLVKVTKQHNDECKHLLSLMGIPYLDAPSEAE
ASCAALVKAGKVYAAATEDMDCLTFGSPVLMRHLTASEAKKLPIQEFHLSRILQELGLNQEQFVDLCILLGSDYCESIRG
IGPKRAVDLIQKHKSIEEIVRRLDPNKYPVPENWLHKEAHQLFLEPEVLDPESVELKWSEPNEEELIKFMCGEKQFSEER
IRSGVKRLSKSRQGSTLEVLFQ
;
_entity_poly.pdbx_strand_id   A,B
#
loop_
_chem_comp.id
_chem_comp.type
_chem_comp.name
_chem_comp.formula
A1JD4 non-polymer (3~{S})-13-[(1~{S})-1-(2-methylquinolin-7-yl)ethoxy]-11-oxidanyl-5-oxa-1,8-diazatricyclo[8.4.0.0^{3,8}]tetradeca-10,13-diene-9,12-dione 'C23 H23 N3 O5'
EDO non-polymer 1,2-ETHANEDIOL 'C2 H6 O2'
MG non-polymer 'MAGNESIUM ION' 'Mg 2'
#
# COMPACT_ATOMS: atom_id res chain seq x y z
N GLY A 2 -9.97 -17.89 23.60
CA GLY A 2 -9.16 -17.96 24.82
C GLY A 2 -9.58 -19.11 25.69
N ILE A 3 -8.75 -19.48 26.69
CA ILE A 3 -9.14 -20.58 27.61
C ILE A 3 -9.16 -20.02 29.00
N GLN A 4 -10.35 -19.99 29.62
CA GLN A 4 -10.53 -19.40 30.93
C GLN A 4 -9.74 -20.11 32.00
N GLY A 5 -8.89 -19.37 32.72
CA GLY A 5 -8.10 -19.92 33.83
C GLY A 5 -6.95 -20.85 33.49
N LEU A 6 -6.70 -21.09 32.19
CA LEU A 6 -5.65 -22.06 31.80
C LEU A 6 -4.24 -21.64 32.27
N ALA A 7 -3.82 -20.38 32.03
CA ALA A 7 -2.49 -19.90 32.47
C ALA A 7 -2.34 -20.03 34.02
N LYS A 8 -3.39 -19.66 34.76
CA LYS A 8 -3.39 -19.75 36.22
C LYS A 8 -3.28 -21.19 36.69
N LEU A 9 -4.00 -22.09 36.04
CA LEU A 9 -3.99 -23.52 36.37
C LEU A 9 -2.61 -24.09 36.13
N ILE A 10 -1.98 -23.75 35.00
CA ILE A 10 -0.63 -24.29 34.68
C ILE A 10 0.37 -23.76 35.74
N ALA A 11 0.26 -22.49 36.12
CA ALA A 11 1.12 -21.89 37.15
C ALA A 11 0.96 -22.60 38.50
N ASP A 12 -0.27 -22.99 38.87
CA ASP A 12 -0.50 -23.67 40.15
C ASP A 12 -0.20 -25.19 40.16
N VAL A 13 -0.57 -25.91 39.12
CA VAL A 13 -0.49 -27.35 39.10
C VAL A 13 0.67 -27.92 38.26
N ALA A 14 1.21 -27.14 37.31
CA ALA A 14 2.36 -27.62 36.51
C ALA A 14 3.37 -26.46 36.31
N PRO A 15 3.87 -25.87 37.41
CA PRO A 15 4.76 -24.70 37.28
C PRO A 15 6.06 -24.91 36.52
N SER A 16 6.55 -26.15 36.43
CA SER A 16 7.80 -26.40 35.67
C SER A 16 7.61 -26.28 34.15
N ALA A 17 6.35 -26.17 33.66
CA ALA A 17 6.05 -25.96 32.24
C ALA A 17 6.19 -24.45 31.85
N ILE A 18 6.39 -23.56 32.83
CA ILE A 18 6.53 -22.13 32.56
C ILE A 18 7.92 -21.63 32.96
N ARG A 19 8.57 -20.92 32.08
CA ARG A 19 9.86 -20.31 32.32
C ARG A 19 9.73 -18.83 31.98
N GLU A 20 10.26 -17.97 32.86
CA GLU A 20 10.25 -16.53 32.60
C GLU A 20 11.64 -16.20 32.07
N ASN A 21 11.71 -15.66 30.86
CA ASN A 21 12.96 -15.36 30.20
C ASN A 21 13.14 -13.92 29.73
N ASP A 22 14.38 -13.46 29.71
CA ASP A 22 14.71 -12.16 29.18
C ASP A 22 14.66 -12.29 27.65
N ILE A 23 14.28 -11.20 26.95
CA ILE A 23 14.17 -11.20 25.49
C ILE A 23 15.52 -11.47 24.78
N LYS A 24 16.65 -11.20 25.46
CA LYS A 24 18.00 -11.44 24.94
C LYS A 24 18.30 -12.93 24.77
N SER A 25 17.70 -13.79 25.61
CA SER A 25 17.85 -15.26 25.56
C SER A 25 17.24 -15.93 24.30
N TYR A 26 16.55 -15.17 23.42
CA TYR A 26 15.96 -15.75 22.21
C TYR A 26 16.71 -15.43 20.95
N PHE A 27 18.01 -15.09 21.09
CA PHE A 27 18.87 -14.77 19.96
C PHE A 27 18.92 -15.97 19.02
N GLY A 28 18.77 -15.69 17.74
CA GLY A 28 18.83 -16.69 16.70
C GLY A 28 17.56 -17.48 16.46
N ARG A 29 16.49 -17.21 17.23
CA ARG A 29 15.23 -17.97 17.10
C ARG A 29 14.17 -17.34 16.23
N LYS A 30 13.43 -18.21 15.52
CA LYS A 30 12.30 -17.88 14.67
C LYS A 30 11.01 -18.00 15.49
N VAL A 31 10.18 -16.98 15.41
N VAL A 31 10.16 -16.99 15.40
CA VAL A 31 8.92 -16.96 16.15
CA VAL A 31 8.94 -16.93 16.17
C VAL A 31 7.77 -16.61 15.20
C VAL A 31 7.78 -16.59 15.24
N ALA A 32 6.65 -17.30 15.38
CA ALA A 32 5.44 -17.02 14.60
C ALA A 32 4.57 -16.11 15.46
N ILE A 33 4.44 -14.87 15.07
CA ILE A 33 3.62 -13.92 15.85
C ILE A 33 2.14 -13.92 15.48
N ASP A 34 1.28 -14.00 16.48
CA ASP A 34 -0.19 -13.84 16.27
C ASP A 34 -0.39 -12.30 15.98
N ALA A 35 -0.34 -11.88 14.69
CA ALA A 35 -0.47 -10.45 14.36
C ALA A 35 -1.83 -9.87 14.68
N SER A 36 -2.88 -10.71 14.63
CA SER A 36 -4.24 -10.24 14.87
C SER A 36 -4.43 -9.90 16.34
N MET A 37 -3.89 -10.73 17.23
CA MET A 37 -3.96 -10.42 18.67
C MET A 37 -3.02 -9.24 19.01
N SER A 38 -1.85 -9.18 18.36
CA SER A 38 -0.92 -8.06 18.54
C SER A 38 -1.55 -6.72 18.18
N ILE A 39 -2.13 -6.58 16.97
CA ILE A 39 -2.71 -5.30 16.54
C ILE A 39 -3.84 -4.89 17.48
N TYR A 40 -4.67 -5.86 17.92
CA TYR A 40 -5.73 -5.61 18.90
C TYR A 40 -5.15 -4.99 20.18
N GLN A 41 -4.04 -5.55 20.67
CA GLN A 41 -3.38 -5.03 21.85
C GLN A 41 -2.80 -3.65 21.61
N PHE A 42 -2.27 -3.40 20.41
CA PHE A 42 -1.73 -2.09 20.09
C PHE A 42 -2.87 -1.06 20.07
N LEU A 43 -4.04 -1.41 19.49
CA LEU A 43 -5.18 -0.51 19.46
C LEU A 43 -5.74 -0.23 20.87
N ILE A 44 -5.77 -1.22 21.79
CA ILE A 44 -6.21 -1.00 23.17
C ILE A 44 -5.27 0.02 23.85
N GLU A 59 -8.24 9.15 13.00
CA GLU A 59 -7.67 7.85 12.68
C GLU A 59 -6.42 7.59 13.50
N THR A 60 -6.43 6.51 14.29
CA THR A 60 -5.28 6.17 15.12
C THR A 60 -4.12 5.58 14.30
N THR A 61 -2.92 5.64 14.86
CA THR A 61 -1.72 5.08 14.26
C THR A 61 -0.99 4.13 15.25
N SER A 62 -1.63 3.76 16.39
CA SER A 62 -1.01 2.91 17.38
C SER A 62 -0.78 1.47 16.88
N HIS A 63 -1.52 1.02 15.85
CA HIS A 63 -1.25 -0.30 15.26
C HIS A 63 0.12 -0.26 14.54
N LEU A 64 0.43 0.84 13.85
CA LEU A 64 1.70 1.04 13.17
C LEU A 64 2.83 1.31 14.17
N MET A 65 2.57 2.17 15.20
CA MET A 65 3.58 2.46 16.22
C MET A 65 4.01 1.18 16.93
N GLY A 66 3.03 0.40 17.36
CA GLY A 66 3.31 -0.87 18.01
C GLY A 66 4.04 -1.84 17.12
N MET A 67 3.58 -2.01 15.87
N MET A 67 3.58 -2.03 15.87
CA MET A 67 4.18 -2.96 14.93
CA MET A 67 4.22 -2.99 14.98
C MET A 67 5.62 -2.60 14.60
C MET A 67 5.65 -2.61 14.64
N PHE A 68 5.87 -1.31 14.41
CA PHE A 68 7.18 -0.79 14.10
C PHE A 68 8.12 -0.99 15.25
N TYR A 69 7.80 -0.46 16.47
CA TYR A 69 8.73 -0.57 17.60
C TYR A 69 8.92 -2.01 18.13
N ARG A 70 7.84 -2.79 18.33
CA ARG A 70 8.03 -4.18 18.82
C ARG A 70 8.80 -5.04 17.81
N THR A 71 8.67 -4.77 16.51
CA THR A 71 9.42 -5.55 15.52
C THR A 71 10.89 -5.15 15.57
N ILE A 72 11.17 -3.86 15.73
CA ILE A 72 12.56 -3.39 15.89
C ILE A 72 13.18 -4.07 17.13
N ARG A 73 12.40 -4.16 18.21
CA ARG A 73 12.87 -4.79 19.45
C ARG A 73 13.24 -6.25 19.24
N MET A 74 12.38 -7.01 18.55
CA MET A 74 12.68 -8.41 18.26
C MET A 74 13.96 -8.54 17.41
N MET A 75 14.04 -7.78 16.30
N MET A 75 14.05 -7.81 16.29
CA MET A 75 15.15 -7.74 15.35
CA MET A 75 15.19 -7.89 15.40
C MET A 75 16.49 -7.43 16.04
C MET A 75 16.51 -7.49 16.09
N GLU A 76 16.47 -6.47 16.98
CA GLU A 76 17.68 -6.05 17.73
C GLU A 76 18.15 -7.16 18.71
N ASN A 77 17.24 -8.00 19.19
CA ASN A 77 17.59 -9.11 20.06
C ASN A 77 17.91 -10.43 19.30
N GLY A 78 17.99 -10.35 17.98
CA GLY A 78 18.28 -11.49 17.10
C GLY A 78 17.09 -12.37 16.79
N ILE A 79 15.86 -11.96 17.19
CA ILE A 79 14.67 -12.75 16.94
C ILE A 79 14.27 -12.54 15.47
N LYS A 80 13.91 -13.64 14.79
CA LYS A 80 13.47 -13.64 13.39
C LYS A 80 11.92 -13.87 13.37
N PRO A 81 11.12 -12.80 13.42
CA PRO A 81 9.66 -12.97 13.45
C PRO A 81 8.98 -13.12 12.07
N VAL A 82 7.92 -13.88 12.05
CA VAL A 82 7.02 -13.96 10.92
C VAL A 82 5.63 -13.62 11.53
N TYR A 83 4.94 -12.60 11.01
CA TYR A 83 3.63 -12.23 11.50
C TYR A 83 2.48 -13.04 10.82
N VAL A 84 1.60 -13.69 11.60
CA VAL A 84 0.46 -14.47 11.05
C VAL A 84 -0.84 -13.72 11.28
N PHE A 85 -1.60 -13.49 10.19
CA PHE A 85 -2.88 -12.77 10.27
C PHE A 85 -4.07 -13.71 10.15
N ASP A 86 -5.14 -13.40 10.88
CA ASP A 86 -6.38 -14.17 10.85
C ASP A 86 -6.99 -14.20 9.45
N GLY A 87 -7.66 -15.30 9.15
CA GLY A 87 -8.46 -15.44 7.95
C GLY A 87 -9.93 -15.37 8.35
N LYS A 88 -10.79 -16.12 7.67
CA LYS A 88 -12.22 -16.17 8.01
C LYS A 88 -12.41 -16.94 9.34
N PRO A 89 -13.32 -16.52 10.21
CA PRO A 89 -13.53 -17.27 11.47
C PRO A 89 -14.19 -18.63 11.22
N PRO A 90 -13.98 -19.62 12.10
CA PRO A 90 -14.64 -20.93 11.89
C PRO A 90 -16.15 -20.85 12.17
N VAL A 131 -13.16 -2.55 20.99
CA VAL A 131 -12.15 -2.24 19.99
C VAL A 131 -12.22 -3.30 18.91
N LYS A 132 -12.16 -2.90 17.64
CA LYS A 132 -12.22 -3.87 16.54
C LYS A 132 -11.06 -3.70 15.55
N VAL A 133 -10.39 -4.80 15.20
CA VAL A 133 -9.32 -4.74 14.21
C VAL A 133 -9.98 -4.72 12.82
N THR A 134 -9.67 -3.69 11.98
CA THR A 134 -10.29 -3.54 10.66
C THR A 134 -9.40 -3.99 9.49
N LYS A 135 -9.97 -4.14 8.27
CA LYS A 135 -9.22 -4.52 7.09
C LYS A 135 -8.09 -3.51 6.83
N GLN A 136 -8.40 -2.20 7.04
CA GLN A 136 -7.42 -1.10 6.91
C GLN A 136 -6.25 -1.25 7.87
N HIS A 137 -6.52 -1.63 9.14
CA HIS A 137 -5.46 -1.84 10.13
C HIS A 137 -4.53 -2.96 9.63
N ASN A 138 -5.10 -4.10 9.19
CA ASN A 138 -4.32 -5.25 8.69
C ASN A 138 -3.51 -4.84 7.45
N ASP A 139 -4.16 -4.21 6.44
CA ASP A 139 -3.50 -3.72 5.23
C ASP A 139 -2.38 -2.75 5.53
N GLU A 140 -2.55 -1.85 6.47
CA GLU A 140 -1.49 -0.86 6.79
C GLU A 140 -0.31 -1.56 7.49
N CYS A 141 -0.61 -2.54 8.36
CA CYS A 141 0.40 -3.29 9.07
C CYS A 141 1.19 -4.15 8.13
N LYS A 142 0.53 -4.79 7.15
CA LYS A 142 1.20 -5.63 6.15
C LYS A 142 2.11 -4.74 5.30
N HIS A 143 1.64 -3.55 4.94
CA HIS A 143 2.42 -2.64 4.11
C HIS A 143 3.70 -2.23 4.87
N LEU A 144 3.58 -1.95 6.18
CA LEU A 144 4.72 -1.61 7.03
C LEU A 144 5.66 -2.81 7.10
N LEU A 145 5.13 -4.01 7.34
CA LEU A 145 5.95 -5.22 7.43
C LEU A 145 6.73 -5.47 6.20
N SER A 146 6.10 -5.35 5.02
CA SER A 146 6.79 -5.52 3.75
C SER A 146 7.96 -4.51 3.61
N LEU A 147 7.74 -3.22 3.92
CA LEU A 147 8.80 -2.21 3.77
C LEU A 147 9.93 -2.45 4.83
N MET A 148 9.58 -3.02 5.99
CA MET A 148 10.56 -3.40 7.00
C MET A 148 11.34 -4.68 6.64
N GLY A 149 10.94 -5.41 5.60
CA GLY A 149 11.59 -6.66 5.20
C GLY A 149 11.26 -7.83 6.11
N ILE A 150 10.09 -7.75 6.77
CA ILE A 150 9.62 -8.78 7.70
C ILE A 150 8.53 -9.61 7.02
N PRO A 151 8.63 -10.92 7.10
CA PRO A 151 7.66 -11.77 6.40
C PRO A 151 6.32 -11.86 7.13
N TYR A 152 5.22 -12.03 6.36
CA TYR A 152 3.92 -12.27 6.97
C TYR A 152 3.18 -13.38 6.25
N LEU A 153 2.28 -14.03 6.97
CA LEU A 153 1.46 -15.08 6.38
C LEU A 153 -0.02 -14.81 6.68
N ASP A 154 -0.88 -15.17 5.74
CA ASP A 154 -2.32 -15.04 5.93
C ASP A 154 -2.84 -16.44 6.30
N ALA A 155 -3.26 -16.63 7.54
CA ALA A 155 -3.83 -17.90 7.98
C ALA A 155 -5.24 -18.08 7.35
N PRO A 156 -5.67 -19.31 7.06
CA PRO A 156 -7.04 -19.51 6.51
C PRO A 156 -8.14 -19.24 7.53
N SER A 157 -7.83 -19.39 8.85
CA SER A 157 -8.79 -19.17 9.90
C SER A 157 -8.10 -18.48 11.14
N GLU A 158 -8.09 -19.06 12.35
CA GLU A 158 -7.49 -18.36 13.52
C GLU A 158 -5.97 -18.33 13.37
N ALA A 159 -5.36 -17.16 13.52
CA ALA A 159 -3.89 -17.04 13.45
C ALA A 159 -3.20 -17.94 14.47
N GLU A 160 -3.72 -18.00 15.72
CA GLU A 160 -3.04 -18.78 16.75
C GLU A 160 -2.90 -20.26 16.41
N ALA A 161 -3.90 -20.86 15.71
CA ALA A 161 -3.90 -22.25 15.28
C ALA A 161 -2.80 -22.43 14.21
N SER A 162 -2.61 -21.44 13.29
CA SER A 162 -1.59 -21.53 12.25
C SER A 162 -0.20 -21.23 12.82
N CYS A 163 -0.09 -20.38 13.91
CA CYS A 163 1.19 -20.18 14.59
C CYS A 163 1.55 -21.56 15.23
N ALA A 164 0.55 -22.26 15.86
CA ALA A 164 0.76 -23.59 16.43
C ALA A 164 1.28 -24.59 15.38
N ALA A 165 0.65 -24.57 14.17
CA ALA A 165 1.06 -25.44 13.08
C ALA A 165 2.53 -25.23 12.67
N LEU A 166 2.95 -23.96 12.61
CA LEU A 166 4.33 -23.62 12.25
C LEU A 166 5.31 -24.14 13.28
N VAL A 167 4.97 -24.02 14.58
CA VAL A 167 5.83 -24.57 15.62
C VAL A 167 5.85 -26.11 15.54
N LYS A 168 4.65 -26.75 15.43
CA LYS A 168 4.61 -28.21 15.39
C LYS A 168 5.38 -28.78 14.20
N ALA A 169 5.33 -28.07 13.06
CA ALA A 169 6.07 -28.52 11.88
C ALA A 169 7.59 -28.26 12.00
N GLY A 170 8.01 -27.52 13.02
CA GLY A 170 9.42 -27.18 13.19
C GLY A 170 9.88 -26.06 12.27
N LYS A 171 8.93 -25.21 11.78
CA LYS A 171 9.31 -24.07 10.93
C LYS A 171 9.87 -22.92 11.78
N VAL A 172 9.33 -22.73 12.99
CA VAL A 172 9.71 -21.75 13.97
C VAL A 172 9.93 -22.47 15.32
N TYR A 173 10.55 -21.76 16.26
CA TYR A 173 10.84 -22.23 17.62
C TYR A 173 9.60 -22.12 18.49
N ALA A 174 8.87 -21.04 18.38
CA ALA A 174 7.70 -20.78 19.23
C ALA A 174 6.61 -19.88 18.58
N ALA A 175 5.38 -19.89 19.17
CA ALA A 175 4.26 -19.04 18.78
C ALA A 175 4.19 -17.91 19.79
N ALA A 176 4.07 -16.67 19.34
CA ALA A 176 3.97 -15.55 20.29
C ALA A 176 2.58 -14.98 20.26
N THR A 177 1.88 -15.18 21.37
CA THR A 177 0.51 -14.67 21.54
C THR A 177 0.15 -14.71 23.01
N GLU A 178 -0.75 -13.82 23.44
CA GLU A 178 -1.30 -13.91 24.80
C GLU A 178 -2.41 -14.97 24.87
N ASP A 179 -2.97 -15.38 23.73
CA ASP A 179 -4.10 -16.30 23.65
C ASP A 179 -3.70 -17.74 23.97
N MET A 180 -4.15 -18.24 25.13
CA MET A 180 -3.87 -19.62 25.53
C MET A 180 -4.52 -20.71 24.58
N ASP A 181 -5.40 -20.33 23.65
CA ASP A 181 -5.90 -21.27 22.61
C ASP A 181 -4.75 -21.87 21.83
N CYS A 182 -3.63 -21.13 21.71
CA CYS A 182 -2.47 -21.64 21.00
C CYS A 182 -1.97 -22.99 21.53
N LEU A 183 -2.02 -23.20 22.86
CA LEU A 183 -1.64 -24.48 23.46
C LEU A 183 -2.66 -25.53 23.18
N THR A 184 -3.95 -25.17 23.23
CA THR A 184 -5.01 -26.15 22.96
C THR A 184 -4.95 -26.61 21.49
N PHE A 185 -4.62 -25.69 20.58
CA PHE A 185 -4.42 -26.02 19.16
C PHE A 185 -3.12 -26.87 18.94
N GLY A 186 -2.35 -27.12 20.02
CA GLY A 186 -1.20 -28.01 19.97
C GLY A 186 0.18 -27.42 19.79
N SER A 187 0.37 -26.08 20.03
CA SER A 187 1.71 -25.53 19.87
C SER A 187 2.68 -26.12 20.94
N PRO A 188 3.83 -26.71 20.54
CA PRO A 188 4.77 -27.20 21.55
C PRO A 188 5.31 -26.09 22.47
N VAL A 189 5.49 -24.87 21.94
CA VAL A 189 5.97 -23.73 22.72
C VAL A 189 5.09 -22.47 22.43
N LEU A 190 4.76 -21.78 23.49
CA LEU A 190 3.99 -20.56 23.46
C LEU A 190 4.80 -19.53 24.27
N MET A 191 5.05 -18.38 23.69
CA MET A 191 5.71 -17.29 24.35
C MET A 191 4.70 -16.17 24.56
N ARG A 192 4.54 -15.68 25.78
CA ARG A 192 3.66 -14.57 26.07
C ARG A 192 4.46 -13.34 26.51
N HIS A 193 3.93 -12.15 26.23
CA HIS A 193 4.49 -10.83 26.55
C HIS A 193 5.64 -10.41 25.63
N LEU A 194 5.82 -11.09 24.49
CA LEU A 194 6.87 -10.70 23.55
C LEU A 194 6.64 -9.29 22.98
N THR A 195 5.36 -8.93 22.69
CA THR A 195 5.08 -7.60 22.14
C THR A 195 4.63 -6.58 23.22
N ALA A 196 4.73 -6.93 24.51
CA ALA A 196 4.31 -6.02 25.58
C ALA A 196 5.10 -4.73 25.60
N SER A 197 4.42 -3.65 26.02
CA SER A 197 5.08 -2.36 26.13
C SER A 197 6.25 -2.43 27.10
N GLU A 198 7.33 -1.73 26.81
CA GLU A 198 8.44 -1.61 27.76
C GLU A 198 7.93 -0.92 29.08
N ALA A 199 6.75 -0.24 29.06
CA ALA A 199 6.18 0.36 30.29
C ALA A 199 5.86 -0.68 31.33
N LYS A 200 5.52 -1.91 30.90
CA LYS A 200 5.21 -3.04 31.78
C LYS A 200 6.48 -3.80 32.23
N LYS A 201 7.60 -3.69 31.45
CA LYS A 201 8.92 -4.30 31.68
C LYS A 201 8.74 -5.79 32.08
N LEU A 202 7.91 -6.51 31.30
CA LEU A 202 7.57 -7.90 31.53
C LEU A 202 8.57 -8.86 30.95
N PRO A 203 8.93 -9.91 31.72
CA PRO A 203 9.73 -10.98 31.12
C PRO A 203 8.87 -11.79 30.13
N ILE A 204 9.52 -12.53 29.24
CA ILE A 204 8.79 -13.40 28.31
C ILE A 204 8.34 -14.65 29.08
N GLN A 205 7.04 -14.94 29.07
CA GLN A 205 6.47 -16.09 29.78
C GLN A 205 6.30 -17.23 28.79
N GLU A 206 7.16 -18.22 28.82
CA GLU A 206 7.16 -19.33 27.89
C GLU A 206 6.56 -20.59 28.51
N PHE A 207 5.63 -21.22 27.79
CA PHE A 207 4.94 -22.43 28.22
C PHE A 207 5.39 -23.57 27.32
N HIS A 208 5.73 -24.71 27.90
CA HIS A 208 6.15 -25.87 27.09
C HIS A 208 5.02 -26.87 27.21
N LEU A 209 4.26 -27.02 26.15
CA LEU A 209 3.10 -27.91 26.13
C LEU A 209 3.45 -29.35 26.57
N SER A 210 4.60 -29.93 26.12
CA SER A 210 4.96 -31.28 26.51
C SER A 210 5.03 -31.45 28.03
N ARG A 211 5.56 -30.43 28.75
CA ARG A 211 5.66 -30.51 30.22
C ARG A 211 4.26 -30.36 30.88
N ILE A 212 3.33 -29.67 30.23
CA ILE A 212 1.92 -29.57 30.74
C ILE A 212 1.33 -30.96 30.65
N LEU A 213 1.44 -31.59 29.47
CA LEU A 213 0.92 -32.96 29.30
C LEU A 213 1.59 -33.95 30.22
N GLN A 214 2.89 -33.76 30.45
CA GLN A 214 3.68 -34.67 31.26
C GLN A 214 3.36 -34.59 32.75
N GLU A 215 3.23 -33.37 33.26
CA GLU A 215 2.88 -33.18 34.68
C GLU A 215 1.41 -33.64 34.88
N LEU A 216 0.51 -33.28 33.92
CA LEU A 216 -0.90 -33.69 34.08
C LEU A 216 -1.19 -35.17 33.75
N GLY A 217 -0.22 -35.88 33.17
CA GLY A 217 -0.35 -37.27 32.77
C GLY A 217 -1.45 -37.45 31.72
N LEU A 218 -1.43 -36.59 30.70
CA LEU A 218 -2.45 -36.54 29.66
C LEU A 218 -1.83 -36.52 28.27
N ASN A 219 -2.62 -36.88 27.24
CA ASN A 219 -2.27 -36.75 25.83
C ASN A 219 -2.97 -35.47 25.30
N GLN A 220 -2.78 -35.11 24.03
CA GLN A 220 -3.36 -33.87 23.51
C GLN A 220 -4.90 -33.92 23.43
N GLU A 221 -5.47 -35.09 23.10
CA GLU A 221 -6.92 -35.28 23.05
C GLU A 221 -7.56 -34.99 24.42
N GLN A 222 -6.91 -35.48 25.49
CA GLN A 222 -7.45 -35.28 26.85
C GLN A 222 -7.28 -33.84 27.29
N PHE A 223 -6.14 -33.24 26.88
CA PHE A 223 -5.88 -31.83 27.18
C PHE A 223 -6.95 -30.93 26.55
N VAL A 224 -7.38 -31.22 25.31
CA VAL A 224 -8.43 -30.48 24.62
C VAL A 224 -9.75 -30.56 25.39
N ASP A 225 -10.12 -31.77 25.83
CA ASP A 225 -11.31 -31.94 26.62
C ASP A 225 -11.19 -31.19 27.97
N LEU A 226 -9.99 -31.13 28.57
CA LEU A 226 -9.76 -30.33 29.81
C LEU A 226 -10.01 -28.84 29.53
N CYS A 227 -9.49 -28.30 28.44
CA CYS A 227 -9.67 -26.90 28.04
C CYS A 227 -11.15 -26.59 27.80
N ILE A 228 -11.89 -27.53 27.22
CA ILE A 228 -13.32 -27.34 27.01
C ILE A 228 -14.04 -27.19 28.35
N LEU A 229 -13.65 -28.01 29.34
CA LEU A 229 -14.19 -27.98 30.69
C LEU A 229 -13.74 -26.73 31.47
N LEU A 230 -12.59 -26.17 31.09
CA LEU A 230 -12.11 -24.93 31.68
C LEU A 230 -12.95 -23.76 31.17
N GLY A 231 -13.25 -23.77 29.88
CA GLY A 231 -14.07 -22.72 29.30
C GLY A 231 -13.37 -22.14 28.11
N SER A 232 -13.79 -22.58 26.93
CA SER A 232 -13.24 -22.16 25.67
C SER A 232 -14.22 -21.26 24.93
N ASP A 233 -13.80 -20.68 23.78
CA ASP A 233 -14.71 -19.83 23.03
C ASP A 233 -15.46 -20.59 21.89
N TYR A 234 -15.33 -21.92 21.85
CA TYR A 234 -15.96 -22.74 20.82
C TYR A 234 -17.27 -23.41 21.30
N CYS A 235 -17.48 -23.48 22.62
CA CYS A 235 -18.66 -24.11 23.15
C CYS A 235 -18.77 -23.82 24.66
N GLU A 236 -19.87 -24.23 25.26
CA GLU A 236 -20.08 -24.02 26.69
C GLU A 236 -19.23 -25.00 27.54
N SER A 237 -19.11 -24.70 28.84
CA SER A 237 -18.45 -25.60 29.77
C SER A 237 -19.56 -26.16 30.71
N ILE A 238 -19.22 -27.07 31.64
CA ILE A 238 -20.24 -27.60 32.57
C ILE A 238 -20.20 -26.75 33.87
N ARG A 239 -21.32 -26.08 34.21
CA ARG A 239 -21.42 -25.24 35.40
C ARG A 239 -21.18 -26.06 36.65
N GLY A 240 -20.48 -25.47 37.61
CA GLY A 240 -20.22 -26.10 38.90
C GLY A 240 -18.98 -26.96 38.97
N ILE A 241 -18.31 -27.20 37.82
CA ILE A 241 -17.06 -27.96 37.85
C ILE A 241 -15.89 -26.99 37.65
N GLY A 242 -15.14 -26.75 38.71
CA GLY A 242 -14.02 -25.82 38.65
C GLY A 242 -12.80 -26.40 37.99
N PRO A 243 -11.74 -25.57 37.82
CA PRO A 243 -10.50 -26.04 37.17
C PRO A 243 -9.84 -27.29 37.75
N LYS A 244 -9.66 -27.40 39.08
CA LYS A 244 -9.00 -28.58 39.66
C LYS A 244 -9.85 -29.83 39.56
N ARG A 245 -11.15 -29.69 39.72
CA ARG A 245 -12.06 -30.81 39.60
C ARG A 245 -12.09 -31.28 38.11
N ALA A 246 -12.00 -30.34 37.16
CA ALA A 246 -11.98 -30.69 35.72
C ALA A 246 -10.69 -31.49 35.42
N VAL A 247 -9.52 -31.12 36.04
CA VAL A 247 -8.28 -31.88 35.85
C VAL A 247 -8.45 -33.32 36.38
N ASP A 248 -8.99 -33.45 37.58
CA ASP A 248 -9.21 -34.75 38.19
C ASP A 248 -10.15 -35.62 37.37
N LEU A 249 -11.22 -35.04 36.81
CA LEU A 249 -12.21 -35.78 36.02
C LEU A 249 -11.62 -36.34 34.73
N ILE A 250 -10.79 -35.52 34.06
CA ILE A 250 -10.13 -35.91 32.81
C ILE A 250 -9.03 -36.96 33.06
N GLN A 251 -8.28 -36.81 34.15
CA GLN A 251 -7.24 -37.75 34.54
C GLN A 251 -7.87 -39.12 34.82
N LYS A 252 -9.02 -39.12 35.48
CA LYS A 252 -9.73 -40.38 35.76
C LYS A 252 -10.46 -40.98 34.55
N HIS A 253 -11.34 -40.20 33.87
CA HIS A 253 -12.25 -40.70 32.82
C HIS A 253 -11.85 -40.38 31.37
N LYS A 254 -10.80 -39.60 31.18
CA LYS A 254 -10.18 -39.30 29.88
C LYS A 254 -10.95 -38.47 28.91
N SER A 255 -12.30 -38.59 28.87
CA SER A 255 -13.06 -37.90 27.86
C SER A 255 -14.29 -37.22 28.46
N ILE A 256 -14.80 -36.21 27.75
CA ILE A 256 -16.06 -35.56 28.19
C ILE A 256 -17.21 -36.60 28.10
N GLU A 257 -17.22 -37.42 27.06
CA GLU A 257 -18.19 -38.52 26.90
C GLU A 257 -18.24 -39.41 28.18
N GLU A 258 -17.08 -39.93 28.68
CA GLU A 258 -17.08 -40.76 29.90
C GLU A 258 -17.45 -39.97 31.15
N ILE A 259 -17.18 -38.64 31.17
CA ILE A 259 -17.59 -37.86 32.32
C ILE A 259 -19.13 -37.70 32.34
N VAL A 260 -19.75 -37.33 31.19
CA VAL A 260 -21.19 -37.06 31.11
C VAL A 260 -22.07 -38.26 31.48
N ARG A 261 -21.64 -39.47 31.14
CA ARG A 261 -22.43 -40.63 31.50
C ARG A 261 -22.35 -40.94 33.03
N ARG A 262 -21.47 -40.25 33.78
CA ARG A 262 -21.37 -40.41 35.23
C ARG A 262 -21.96 -39.29 36.04
N LEU A 263 -21.92 -38.02 35.56
CA LEU A 263 -22.44 -36.89 36.33
C LEU A 263 -23.91 -37.05 36.80
N ASP A 264 -24.22 -36.54 38.01
CA ASP A 264 -25.56 -36.54 38.57
C ASP A 264 -26.30 -35.49 37.79
N PRO A 265 -27.36 -35.81 37.01
CA PRO A 265 -28.10 -34.74 36.32
C PRO A 265 -28.74 -33.71 37.27
N ASN A 266 -29.04 -34.09 38.51
CA ASN A 266 -29.57 -33.14 39.52
C ASN A 266 -28.51 -32.14 40.00
N LYS A 267 -27.24 -32.56 39.97
CA LYS A 267 -26.15 -31.74 40.47
C LYS A 267 -25.39 -31.03 39.37
N TYR A 268 -25.04 -31.76 38.33
CA TYR A 268 -24.24 -31.25 37.24
C TYR A 268 -24.83 -31.53 35.86
N PRO A 269 -25.94 -30.89 35.49
CA PRO A 269 -26.45 -31.08 34.12
C PRO A 269 -25.48 -30.44 33.13
N VAL A 270 -25.48 -30.99 31.95
CA VAL A 270 -24.64 -30.50 30.90
C VAL A 270 -25.41 -29.53 30.02
N PRO A 271 -24.71 -28.62 29.32
CA PRO A 271 -25.40 -27.71 28.40
C PRO A 271 -26.29 -28.45 27.38
N GLU A 272 -27.38 -27.82 26.94
CA GLU A 272 -28.20 -28.42 25.89
C GLU A 272 -27.63 -27.94 24.53
N ASN A 273 -27.78 -28.75 23.45
CA ASN A 273 -27.21 -28.40 22.13
C ASN A 273 -25.69 -28.13 22.23
N TRP A 274 -25.03 -28.87 23.13
CA TRP A 274 -23.63 -28.69 23.46
C TRP A 274 -22.76 -29.10 22.31
N LEU A 275 -21.93 -28.15 21.83
CA LEU A 275 -21.04 -28.35 20.70
C LEU A 275 -19.63 -28.81 21.13
N HIS A 276 -19.53 -29.66 22.17
CA HIS A 276 -18.21 -30.10 22.63
C HIS A 276 -17.47 -31.00 21.62
N LYS A 277 -18.20 -31.82 20.84
CA LYS A 277 -17.57 -32.69 19.86
C LYS A 277 -16.99 -31.89 18.69
N GLU A 278 -17.73 -30.86 18.27
CA GLU A 278 -17.30 -29.99 17.19
C GLU A 278 -16.10 -29.14 17.69
N ALA A 279 -16.13 -28.64 18.95
CA ALA A 279 -15.03 -27.88 19.54
C ALA A 279 -13.78 -28.76 19.66
N HIS A 280 -13.93 -29.98 20.19
CA HIS A 280 -12.89 -30.98 20.28
C HIS A 280 -12.23 -31.20 18.89
N GLN A 281 -13.05 -31.37 17.85
CA GLN A 281 -12.54 -31.57 16.49
C GLN A 281 -11.80 -30.35 15.94
N LEU A 282 -12.34 -29.12 16.14
CA LEU A 282 -11.67 -27.89 15.68
C LEU A 282 -10.31 -27.67 16.34
N PHE A 283 -10.15 -28.04 17.64
CA PHE A 283 -8.85 -27.84 18.30
C PHE A 283 -7.85 -28.90 17.77
N LEU A 284 -8.31 -30.17 17.67
CA LEU A 284 -7.42 -31.23 17.18
C LEU A 284 -7.12 -31.17 15.68
N GLU A 285 -8.10 -30.77 14.88
CA GLU A 285 -7.89 -30.64 13.44
C GLU A 285 -8.30 -29.26 12.92
N PRO A 286 -7.53 -28.23 13.31
CA PRO A 286 -7.88 -26.87 12.89
C PRO A 286 -7.61 -26.63 11.43
N GLU A 287 -8.25 -25.61 10.90
CA GLU A 287 -8.01 -25.18 9.54
C GLU A 287 -6.76 -24.27 9.69
N VAL A 288 -5.64 -24.75 9.21
CA VAL A 288 -4.36 -24.04 9.31
C VAL A 288 -3.66 -23.91 7.95
N LEU A 289 -2.66 -23.00 7.87
CA LEU A 289 -1.83 -22.85 6.65
C LEU A 289 -0.99 -24.11 6.50
N ASP A 290 -0.58 -24.44 5.27
CA ASP A 290 0.23 -25.66 5.06
C ASP A 290 1.66 -25.27 5.31
N PRO A 291 2.33 -25.78 6.35
CA PRO A 291 3.71 -25.32 6.63
C PRO A 291 4.74 -25.67 5.57
N GLU A 292 4.45 -26.67 4.72
CA GLU A 292 5.35 -27.02 3.59
C GLU A 292 5.29 -25.96 2.48
N SER A 293 4.24 -25.12 2.45
CA SER A 293 4.15 -24.05 1.47
C SER A 293 4.92 -22.77 1.93
N VAL A 294 5.50 -22.80 3.14
CA VAL A 294 6.15 -21.65 3.73
C VAL A 294 7.67 -21.73 3.63
N GLU A 295 8.30 -20.64 3.16
CA GLU A 295 9.75 -20.46 3.12
C GLU A 295 9.95 -19.06 3.71
N LEU A 296 10.36 -19.00 4.99
CA LEU A 296 10.53 -17.73 5.70
C LEU A 296 11.82 -17.07 5.30
N LYS A 297 11.74 -15.80 4.87
CA LYS A 297 12.91 -14.99 4.49
C LYS A 297 12.75 -13.60 5.08
N TRP A 298 13.89 -12.97 5.47
CA TRP A 298 13.92 -11.61 6.04
C TRP A 298 14.86 -10.78 5.18
N SER A 299 14.43 -9.58 4.82
CA SER A 299 15.27 -8.73 3.99
C SER A 299 15.50 -7.34 4.59
N GLU A 300 16.31 -6.56 3.87
CA GLU A 300 16.70 -5.21 4.18
C GLU A 300 15.53 -4.26 4.19
N PRO A 301 15.38 -3.50 5.28
CA PRO A 301 14.30 -2.49 5.29
C PRO A 301 14.54 -1.41 4.24
N ASN A 302 13.46 -0.94 3.59
CA ASN A 302 13.57 0.11 2.60
C ASN A 302 13.32 1.44 3.38
N GLU A 303 14.37 2.08 3.80
CA GLU A 303 14.31 3.30 4.60
C GLU A 303 13.56 4.48 3.95
N GLU A 304 13.79 4.74 2.67
CA GLU A 304 13.15 5.84 1.98
C GLU A 304 11.65 5.64 1.87
N GLU A 305 11.22 4.42 1.49
CA GLU A 305 9.81 4.09 1.39
C GLU A 305 9.16 4.05 2.78
N LEU A 306 9.89 3.58 3.81
CA LEU A 306 9.37 3.56 5.18
C LEU A 306 9.09 5.01 5.62
N ILE A 307 9.97 5.97 5.26
CA ILE A 307 9.80 7.41 5.54
C ILE A 307 8.59 7.93 4.78
N LYS A 308 8.47 7.64 3.47
CA LYS A 308 7.32 8.07 2.66
C LYS A 308 5.99 7.57 3.23
N PHE A 309 5.96 6.34 3.72
CA PHE A 309 4.73 5.77 4.29
C PHE A 309 4.45 6.22 5.72
N MET A 310 5.39 6.03 6.64
CA MET A 310 5.19 6.36 8.06
C MET A 310 5.19 7.86 8.34
N CYS A 311 6.06 8.60 7.70
CA CYS A 311 6.18 10.03 7.93
C CYS A 311 5.35 10.81 6.95
N GLY A 312 5.57 10.61 5.66
CA GLY A 312 4.84 11.32 4.63
C GLY A 312 3.33 11.16 4.72
N GLU A 313 2.86 9.92 4.78
CA GLU A 313 1.43 9.59 4.82
C GLU A 313 0.81 9.45 6.22
N LYS A 314 1.57 8.94 7.22
CA LYS A 314 1.00 8.72 8.55
C LYS A 314 1.41 9.75 9.62
N GLN A 315 2.29 10.70 9.26
CA GLN A 315 2.72 11.81 10.11
C GLN A 315 3.58 11.43 11.33
N PHE A 316 4.31 10.31 11.28
CA PHE A 316 5.25 9.99 12.37
C PHE A 316 6.52 10.88 12.22
N SER A 317 7.34 11.00 13.29
CA SER A 317 8.58 11.80 13.23
C SER A 317 9.67 11.15 12.36
N GLU A 318 10.28 11.93 11.44
CA GLU A 318 11.30 11.42 10.53
C GLU A 318 12.55 10.95 11.26
N GLU A 319 13.04 11.72 12.23
CA GLU A 319 14.21 11.32 13.03
C GLU A 319 13.94 9.99 13.77
N ARG A 320 12.71 9.82 14.28
CA ARG A 320 12.30 8.62 15.01
C ARG A 320 12.28 7.38 14.12
N ILE A 321 11.64 7.50 12.95
CA ILE A 321 11.58 6.41 12.00
C ILE A 321 12.96 6.08 11.46
N ARG A 322 13.80 7.09 11.16
CA ARG A 322 15.14 6.87 10.62
C ARG A 322 16.07 6.16 11.59
N SER A 323 15.98 6.53 12.88
CA SER A 323 16.79 5.89 13.91
C SER A 323 16.34 4.39 14.08
N GLY A 324 15.04 4.13 13.92
CA GLY A 324 14.52 2.77 14.01
C GLY A 324 14.97 1.92 12.84
N VAL A 325 14.96 2.50 11.63
CA VAL A 325 15.46 1.79 10.46
C VAL A 325 16.97 1.51 10.60
N GLY B 2 -8.25 19.32 -21.34
CA GLY B 2 -7.74 19.45 -22.69
C GLY B 2 -8.31 20.67 -23.38
N ILE B 3 -7.81 20.95 -24.56
CA ILE B 3 -8.28 22.08 -25.35
C ILE B 3 -8.70 21.54 -26.68
N GLN B 4 -10.01 21.63 -26.95
CA GLN B 4 -10.59 21.11 -28.19
C GLN B 4 -10.01 21.76 -29.43
N GLY B 5 -9.52 20.95 -30.35
CA GLY B 5 -9.00 21.43 -31.63
C GLY B 5 -7.69 22.20 -31.62
N LEU B 6 -7.05 22.37 -30.43
CA LEU B 6 -5.78 23.13 -30.35
C LEU B 6 -4.62 22.51 -31.15
N ALA B 7 -4.35 21.19 -30.96
CA ALA B 7 -3.26 20.55 -31.70
C ALA B 7 -3.49 20.65 -33.21
N LYS B 8 -4.75 20.48 -33.65
CA LYS B 8 -5.04 20.57 -35.08
C LYS B 8 -4.91 22.00 -35.58
N LEU B 9 -5.33 22.98 -34.76
CA LEU B 9 -5.23 24.40 -35.15
C LEU B 9 -3.75 24.77 -35.35
N ILE B 10 -2.88 24.34 -34.41
CA ILE B 10 -1.44 24.59 -34.50
C ILE B 10 -0.81 23.95 -35.74
N ALA B 11 -1.12 22.68 -36.04
CA ALA B 11 -0.56 22.05 -37.24
C ALA B 11 -1.03 22.79 -38.52
N ASP B 12 -2.24 23.36 -38.48
CA ASP B 12 -2.83 24.07 -39.61
C ASP B 12 -2.29 25.48 -39.85
N VAL B 13 -2.30 26.36 -38.83
CA VAL B 13 -1.92 27.76 -39.00
C VAL B 13 -0.50 28.09 -38.46
N ALA B 14 0.06 27.26 -37.56
CA ALA B 14 1.43 27.51 -37.03
C ALA B 14 2.30 26.22 -37.07
N PRO B 15 2.43 25.55 -38.24
CA PRO B 15 3.17 24.28 -38.28
C PRO B 15 4.64 24.31 -37.92
N SER B 16 5.32 25.47 -38.02
CA SER B 16 6.72 25.55 -37.64
C SER B 16 6.91 25.45 -36.10
N ALA B 17 5.80 25.51 -35.30
CA ALA B 17 5.88 25.33 -33.86
C ALA B 17 5.94 23.82 -33.49
N ILE B 18 5.74 22.90 -34.46
CA ILE B 18 5.76 21.48 -34.20
C ILE B 18 6.92 20.83 -34.92
N ARG B 19 7.61 19.92 -34.26
CA ARG B 19 8.64 19.11 -34.86
C ARG B 19 8.40 17.64 -34.45
N GLU B 20 8.61 16.72 -35.39
CA GLU B 20 8.49 15.30 -35.08
C GLU B 20 9.90 14.77 -34.92
N ASN B 21 10.28 14.33 -33.71
CA ASN B 21 11.62 13.85 -33.45
C ASN B 21 11.65 12.38 -33.02
N ASP B 22 12.79 11.73 -33.23
CA ASP B 22 13.03 10.39 -32.76
C ASP B 22 13.42 10.48 -31.28
N ILE B 23 13.00 9.49 -30.48
CA ILE B 23 13.29 9.42 -29.04
C ILE B 23 14.80 9.41 -28.72
N LYS B 24 15.65 8.97 -29.67
CA LYS B 24 17.11 8.94 -29.50
C LYS B 24 17.70 10.33 -29.43
N SER B 25 17.09 11.32 -30.09
CA SER B 25 17.62 12.69 -30.06
C SER B 25 17.30 13.44 -28.76
N TYR B 26 16.67 12.78 -27.76
CA TYR B 26 16.43 13.40 -26.47
C TYR B 26 17.45 12.97 -25.41
N PHE B 27 18.61 12.44 -25.85
CA PHE B 27 19.69 11.99 -24.97
C PHE B 27 20.15 13.14 -24.07
N GLY B 28 20.25 12.85 -22.76
CA GLY B 28 20.70 13.80 -21.75
C GLY B 28 19.72 14.89 -21.37
N ARG B 29 18.45 14.73 -21.73
CA ARG B 29 17.44 15.72 -21.43
C ARG B 29 16.57 15.26 -20.31
N LYS B 30 16.20 16.21 -19.44
CA LYS B 30 15.29 16.03 -18.32
C LYS B 30 13.88 16.35 -18.83
N VAL B 31 12.91 15.51 -18.47
N VAL B 31 12.91 15.54 -18.44
CA VAL B 31 11.53 15.72 -18.86
CA VAL B 31 11.54 15.71 -18.86
C VAL B 31 10.61 15.54 -17.65
C VAL B 31 10.59 15.50 -17.69
N ALA B 32 9.54 16.34 -17.57
CA ALA B 32 8.56 16.19 -16.50
C ALA B 32 7.39 15.42 -17.10
N ILE B 33 7.12 14.18 -16.66
CA ILE B 33 6.03 13.39 -17.23
C ILE B 33 4.70 13.66 -16.55
N ASP B 34 3.62 13.80 -17.30
CA ASP B 34 2.29 13.92 -16.68
C ASP B 34 1.90 12.46 -16.29
N ALA B 35 2.21 12.05 -15.05
CA ALA B 35 1.99 10.66 -14.63
C ALA B 35 0.54 10.26 -14.55
N SER B 36 -0.36 11.18 -14.14
CA SER B 36 -1.77 10.87 -14.01
C SER B 36 -2.36 10.57 -15.40
N MET B 37 -2.01 11.38 -16.42
CA MET B 37 -2.49 11.10 -17.80
C MET B 37 -1.82 9.85 -18.35
N SER B 38 -0.55 9.62 -18.02
CA SER B 38 0.15 8.43 -18.48
C SER B 38 -0.53 7.16 -17.95
N ILE B 39 -0.81 7.09 -16.64
CA ILE B 39 -1.41 5.91 -15.99
C ILE B 39 -2.82 5.67 -16.58
N TYR B 40 -3.57 6.76 -16.85
CA TYR B 40 -4.88 6.72 -17.47
C TYR B 40 -4.79 6.02 -18.84
N GLN B 41 -3.75 6.34 -19.63
CA GLN B 41 -3.55 5.72 -20.93
C GLN B 41 -3.12 4.29 -20.83
N PHE B 42 -2.32 3.95 -19.83
CA PHE B 42 -1.92 2.57 -19.61
C PHE B 42 -3.16 1.74 -19.23
N LEU B 43 -4.09 2.30 -18.46
CA LEU B 43 -5.30 1.57 -18.06
C LEU B 43 -6.25 1.37 -19.25
N ILE B 44 -6.35 2.36 -20.12
CA ILE B 44 -7.17 2.26 -21.34
C ILE B 44 -6.58 1.20 -22.27
N ALA B 45 -5.24 1.01 -22.28
CA ALA B 45 -4.48 0.06 -23.11
C ALA B 45 -4.15 0.70 -24.45
N GLU B 59 -7.27 -8.00 -10.29
CA GLU B 59 -7.06 -6.56 -10.46
C GLU B 59 -6.12 -6.25 -11.63
N THR B 60 -6.20 -5.03 -12.17
CA THR B 60 -5.38 -4.63 -13.30
C THR B 60 -3.90 -4.43 -12.91
N THR B 61 -2.99 -4.75 -13.85
CA THR B 61 -1.54 -4.51 -13.71
C THR B 61 -0.96 -3.71 -14.92
N SER B 62 -1.84 -3.21 -15.81
CA SER B 62 -1.47 -2.43 -16.97
C SER B 62 -0.79 -1.13 -16.55
N HIS B 63 -1.21 -0.53 -15.42
CA HIS B 63 -0.57 0.71 -14.94
C HIS B 63 0.94 0.45 -14.64
N LEU B 64 1.26 -0.69 -14.02
CA LEU B 64 2.61 -1.11 -13.67
C LEU B 64 3.41 -1.59 -14.87
N MET B 65 2.78 -2.34 -15.81
CA MET B 65 3.46 -2.82 -17.00
C MET B 65 3.87 -1.61 -17.86
N GLY B 66 2.94 -0.67 -18.02
CA GLY B 66 3.20 0.54 -18.79
C GLY B 66 4.33 1.35 -18.22
N MET B 67 4.23 1.69 -16.92
N MET B 67 4.24 1.70 -16.92
CA MET B 67 5.22 2.49 -16.21
CA MET B 67 5.26 2.52 -16.28
C MET B 67 6.60 1.87 -16.28
C MET B 67 6.62 1.86 -16.35
N PHE B 68 6.71 0.55 -16.04
CA PHE B 68 7.97 -0.18 -16.10
C PHE B 68 8.61 -0.09 -17.46
N TYR B 69 7.89 -0.46 -18.56
CA TYR B 69 8.43 -0.48 -19.91
C TYR B 69 8.71 0.92 -20.48
N ARG B 70 7.78 1.86 -20.39
CA ARG B 70 8.06 3.24 -20.89
C ARG B 70 9.21 3.91 -20.13
N THR B 71 9.38 3.65 -18.81
CA THR B 71 10.49 4.25 -18.08
C THR B 71 11.78 3.65 -18.51
N ILE B 72 11.81 2.32 -18.73
CA ILE B 72 13.00 1.65 -19.27
C ILE B 72 13.34 2.25 -20.66
N ARG B 73 12.34 2.42 -21.56
CA ARG B 73 12.64 3.04 -22.87
C ARG B 73 13.27 4.42 -22.74
N MET B 74 12.77 5.22 -21.80
CA MET B 74 13.34 6.56 -21.58
C MET B 74 14.76 6.46 -21.09
N MET B 75 15.00 5.62 -20.06
N MET B 75 15.03 5.64 -20.05
CA MET B 75 16.31 5.40 -19.46
CA MET B 75 16.38 5.52 -19.50
C MET B 75 17.33 4.89 -20.50
C MET B 75 17.37 4.85 -20.49
N GLU B 76 16.86 4.07 -21.46
CA GLU B 76 17.70 3.47 -22.52
C GLU B 76 18.17 4.53 -23.52
N ASN B 77 17.32 5.55 -23.74
CA ASN B 77 17.64 6.63 -24.66
C ASN B 77 18.29 7.84 -23.98
N GLY B 78 18.68 7.69 -22.71
CA GLY B 78 19.36 8.74 -21.95
C GLY B 78 18.45 9.84 -21.44
N ILE B 79 17.12 9.60 -21.42
CA ILE B 79 16.18 10.62 -20.92
C ILE B 79 16.16 10.49 -19.39
N LYS B 80 16.12 11.62 -18.69
CA LYS B 80 16.07 11.61 -17.24
C LYS B 80 14.66 12.08 -16.86
N PRO B 81 13.74 11.14 -16.62
CA PRO B 81 12.35 11.53 -16.35
C PRO B 81 12.05 11.84 -14.87
N VAL B 82 11.12 12.75 -14.62
CA VAL B 82 10.59 12.95 -13.27
C VAL B 82 9.07 12.82 -13.47
N TYR B 83 8.41 11.87 -12.80
CA TYR B 83 6.95 11.73 -12.96
C TYR B 83 6.18 12.71 -12.06
N VAL B 84 5.19 13.44 -12.58
CA VAL B 84 4.39 14.37 -11.76
C VAL B 84 2.95 13.85 -11.62
N PHE B 85 2.44 13.69 -10.36
CA PHE B 85 1.10 13.16 -10.10
C PHE B 85 0.12 14.26 -9.71
N ASP B 86 -1.13 14.10 -10.05
CA ASP B 86 -2.21 15.00 -9.69
C ASP B 86 -2.39 15.05 -8.19
N GLY B 87 -2.81 16.23 -7.72
CA GLY B 87 -3.16 16.47 -6.33
C GLY B 87 -4.57 15.97 -6.05
N VAL B 131 -13.02 3.95 -16.94
CA VAL B 131 -11.61 3.96 -16.54
C VAL B 131 -11.32 5.11 -15.57
N LYS B 132 -11.01 4.77 -14.33
CA LYS B 132 -10.72 5.76 -13.30
C LYS B 132 -9.35 5.44 -12.69
N VAL B 133 -8.47 6.43 -12.63
CA VAL B 133 -7.16 6.22 -12.01
C VAL B 133 -7.38 6.26 -10.49
N THR B 134 -7.06 5.17 -9.75
CA THR B 134 -7.28 5.17 -8.31
C THR B 134 -6.01 5.44 -7.46
N LYS B 135 -6.21 5.81 -6.17
CA LYS B 135 -5.14 6.00 -5.19
C LYS B 135 -4.24 4.75 -5.15
N GLN B 136 -4.84 3.54 -5.26
CA GLN B 136 -4.07 2.30 -5.33
C GLN B 136 -3.15 2.28 -6.56
N HIS B 137 -3.68 2.62 -7.75
CA HIS B 137 -2.87 2.73 -8.96
C HIS B 137 -1.62 3.65 -8.73
N ASN B 138 -1.86 4.91 -8.33
CA ASN B 138 -0.84 5.92 -8.04
C ASN B 138 0.20 5.40 -7.04
N ASP B 139 -0.26 4.86 -5.90
CA ASP B 139 0.59 4.31 -4.85
C ASP B 139 1.46 3.17 -5.39
N GLU B 140 0.90 2.31 -6.24
CA GLU B 140 1.66 1.19 -6.79
C GLU B 140 2.75 1.73 -7.75
N CYS B 141 2.38 2.70 -8.59
CA CYS B 141 3.25 3.34 -9.55
C CYS B 141 4.42 4.09 -8.91
N LYS B 142 4.14 4.80 -7.83
CA LYS B 142 5.10 5.54 -7.03
C LYS B 142 6.08 4.56 -6.43
N HIS B 143 5.60 3.45 -5.90
CA HIS B 143 6.44 2.39 -5.32
C HIS B 143 7.35 1.83 -6.40
N LEU B 144 6.76 1.52 -7.58
CA LEU B 144 7.52 1.04 -8.72
C LEU B 144 8.64 2.05 -9.10
N LEU B 145 8.29 3.33 -9.22
CA LEU B 145 9.28 4.36 -9.60
C LEU B 145 10.41 4.46 -8.57
N SER B 146 10.07 4.37 -7.29
CA SER B 146 11.07 4.46 -6.22
C SER B 146 12.07 3.29 -6.33
N LEU B 147 11.59 2.09 -6.63
CA LEU B 147 12.48 0.93 -6.78
C LEU B 147 13.34 1.06 -8.05
N MET B 148 12.77 1.64 -9.11
CA MET B 148 13.50 1.93 -10.35
C MET B 148 14.53 3.05 -10.21
N GLY B 149 14.46 3.79 -9.11
CA GLY B 149 15.33 4.91 -8.80
C GLY B 149 14.99 6.13 -9.63
N ILE B 150 13.70 6.29 -9.94
CA ILE B 150 13.20 7.41 -10.73
C ILE B 150 12.48 8.35 -9.79
N PRO B 151 12.73 9.66 -9.91
CA PRO B 151 12.05 10.60 -9.00
C PRO B 151 10.62 10.84 -9.41
N TYR B 152 9.78 11.20 -8.43
CA TYR B 152 8.41 11.60 -8.69
C TYR B 152 8.03 12.81 -7.81
N LEU B 153 7.04 13.54 -8.24
CA LEU B 153 6.59 14.74 -7.52
C LEU B 153 5.07 14.76 -7.39
N ASP B 154 4.55 15.27 -6.27
CA ASP B 154 3.13 15.37 -6.05
C ASP B 154 2.73 16.79 -6.32
N ALA B 155 1.97 16.99 -7.39
CA ALA B 155 1.43 18.32 -7.67
C ALA B 155 0.35 18.68 -6.63
N PRO B 156 0.17 19.98 -6.29
CA PRO B 156 -0.98 20.34 -5.42
C PRO B 156 -2.32 20.20 -6.17
N SER B 157 -2.32 20.34 -7.50
CA SER B 157 -3.57 20.23 -8.27
C SER B 157 -3.29 19.49 -9.64
N GLU B 158 -3.46 20.14 -10.81
CA GLU B 158 -3.24 19.44 -12.08
C GLU B 158 -1.77 19.20 -12.33
N ALA B 159 -1.40 17.94 -12.59
CA ALA B 159 0.00 17.59 -12.85
C ALA B 159 0.52 18.33 -14.06
N GLU B 160 -0.29 18.50 -15.12
CA GLU B 160 0.19 19.20 -16.32
C GLU B 160 0.62 20.62 -16.05
N ALA B 161 -0.08 21.38 -15.16
CA ALA B 161 0.31 22.74 -14.86
C ALA B 161 1.64 22.72 -14.10
N SER B 162 1.88 21.73 -13.21
CA SER B 162 3.14 21.62 -12.48
C SER B 162 4.28 21.20 -13.41
N CYS B 163 3.99 20.35 -14.41
CA CYS B 163 4.89 19.95 -15.46
C CYS B 163 5.31 21.25 -16.22
N ALA B 164 4.33 22.09 -16.54
CA ALA B 164 4.57 23.38 -17.21
C ALA B 164 5.44 24.31 -16.35
N ALA B 165 5.18 24.36 -15.05
CA ALA B 165 5.92 25.18 -14.11
C ALA B 165 7.37 24.76 -14.08
N LEU B 166 7.64 23.42 -14.12
CA LEU B 166 9.04 22.91 -14.10
C LEU B 166 9.79 23.34 -15.34
N VAL B 167 9.12 23.26 -16.50
CA VAL B 167 9.72 23.68 -17.74
C VAL B 167 10.02 25.18 -17.71
N LYS B 168 9.03 26.03 -17.35
CA LYS B 168 9.19 27.49 -17.29
C LYS B 168 10.32 27.90 -16.35
N ALA B 169 10.48 27.19 -15.22
CA ALA B 169 11.57 27.50 -14.29
C ALA B 169 12.97 27.00 -14.76
N GLY B 170 13.03 26.28 -15.87
CA GLY B 170 14.28 25.74 -16.38
C GLY B 170 14.77 24.54 -15.58
N LYS B 171 13.86 23.83 -14.87
CA LYS B 171 14.27 22.64 -14.12
C LYS B 171 14.37 21.40 -15.01
N VAL B 172 13.54 21.36 -16.08
CA VAL B 172 13.54 20.33 -17.12
C VAL B 172 13.46 20.97 -18.51
N TYR B 173 13.82 20.20 -19.55
CA TYR B 173 13.75 20.66 -20.94
C TYR B 173 12.29 20.73 -21.43
N ALA B 174 11.45 19.75 -21.10
CA ALA B 174 10.10 19.69 -21.63
C ALA B 174 9.07 18.97 -20.71
N ALA B 175 7.78 19.18 -20.97
CA ALA B 175 6.66 18.54 -20.28
C ALA B 175 6.20 17.41 -21.20
N ALA B 176 6.02 16.18 -20.70
CA ALA B 176 5.54 15.12 -21.61
C ALA B 176 4.14 14.79 -21.22
N THR B 177 3.19 15.10 -22.09
CA THR B 177 1.77 14.76 -21.88
C THR B 177 0.98 14.85 -23.19
N GLU B 178 -0.13 14.08 -23.33
CA GLU B 178 -1.03 14.28 -24.49
C GLU B 178 -1.94 15.48 -24.30
N ASP B 179 -2.10 15.98 -23.06
CA ASP B 179 -2.99 17.07 -22.69
C ASP B 179 -2.52 18.45 -23.18
N MET B 180 -3.17 19.01 -24.23
CA MET B 180 -2.76 20.33 -24.74
C MET B 180 -2.96 21.51 -23.71
N ASP B 181 -3.69 21.26 -22.59
CA ASP B 181 -3.75 22.26 -21.49
C ASP B 181 -2.37 22.67 -21.01
N CYS B 182 -1.41 21.78 -21.13
CA CYS B 182 -0.06 22.06 -20.72
C CYS B 182 0.55 23.31 -21.42
N LEU B 183 0.18 23.58 -22.68
CA LEU B 183 0.58 24.80 -23.37
C LEU B 183 -0.23 25.97 -22.81
N THR B 184 -1.55 25.77 -22.54
CA THR B 184 -2.34 26.87 -21.94
C THR B 184 -1.80 27.29 -20.56
N PHE B 185 -1.30 26.35 -19.78
CA PHE B 185 -0.66 26.66 -18.50
C PHE B 185 0.76 27.30 -18.65
N GLY B 186 1.22 27.50 -19.88
CA GLY B 186 2.46 28.20 -20.14
C GLY B 186 3.75 27.42 -20.31
N SER B 187 3.65 26.10 -20.56
CA SER B 187 4.87 25.32 -20.75
C SER B 187 5.56 25.74 -22.06
N PRO B 188 6.85 26.09 -22.03
CA PRO B 188 7.53 26.53 -23.25
C PRO B 188 7.65 25.36 -24.24
N VAL B 189 7.75 24.14 -23.73
CA VAL B 189 7.90 22.97 -24.57
C VAL B 189 7.00 21.82 -24.10
N LEU B 190 6.33 21.22 -25.05
CA LEU B 190 5.42 20.10 -24.79
C LEU B 190 5.79 18.94 -25.72
N MET B 191 6.04 17.76 -25.17
CA MET B 191 6.34 16.57 -25.99
C MET B 191 5.16 15.60 -25.88
N ARG B 192 4.58 15.22 -27.01
CA ARG B 192 3.52 14.25 -27.02
C ARG B 192 4.05 12.90 -27.60
N HIS B 193 3.45 11.77 -27.19
CA HIS B 193 3.77 10.42 -27.66
C HIS B 193 5.03 9.88 -27.04
N LEU B 194 5.52 10.46 -25.90
CA LEU B 194 6.71 9.88 -25.25
C LEU B 194 6.44 8.48 -24.64
N THR B 195 5.25 8.28 -24.07
CA THR B 195 4.90 6.98 -23.48
C THR B 195 4.03 6.14 -24.43
N ALA B 196 3.87 6.54 -25.72
CA ALA B 196 3.03 5.78 -26.65
C ALA B 196 3.61 4.41 -26.86
N SER B 197 2.74 3.45 -27.11
CA SER B 197 3.18 2.08 -27.34
C SER B 197 4.03 2.00 -28.57
N GLU B 198 4.99 1.07 -28.55
CA GLU B 198 5.79 0.78 -29.73
C GLU B 198 4.86 0.29 -30.89
N ALA B 199 3.66 -0.26 -30.56
CA ALA B 199 2.68 -0.73 -31.59
C ALA B 199 2.23 0.40 -32.50
N LYS B 200 2.23 1.66 -32.00
CA LYS B 200 1.91 2.88 -32.75
C LYS B 200 3.11 3.39 -33.53
N LYS B 201 4.34 3.08 -33.10
CA LYS B 201 5.60 3.51 -33.75
C LYS B 201 5.54 5.01 -34.13
N LEU B 202 5.10 5.86 -33.17
CA LEU B 202 4.94 7.29 -33.45
C LEU B 202 6.18 8.04 -33.03
N PRO B 203 6.57 9.07 -33.80
CA PRO B 203 7.66 9.94 -33.33
C PRO B 203 7.16 10.85 -32.18
N ILE B 204 8.08 11.48 -31.46
CA ILE B 204 7.68 12.42 -30.43
C ILE B 204 7.24 13.70 -31.16
N GLN B 205 6.07 14.21 -30.81
CA GLN B 205 5.53 15.43 -31.40
C GLN B 205 5.83 16.56 -30.40
N GLU B 206 6.72 17.47 -30.76
CA GLU B 206 7.15 18.51 -29.85
C GLU B 206 6.61 19.85 -30.30
N PHE B 207 5.92 20.56 -29.37
CA PHE B 207 5.35 21.89 -29.60
C PHE B 207 6.21 22.93 -28.86
N HIS B 208 6.54 24.02 -29.55
CA HIS B 208 7.29 25.13 -28.94
C HIS B 208 6.29 26.29 -28.76
N LEU B 209 5.95 26.58 -27.51
CA LEU B 209 4.96 27.61 -27.21
C LEU B 209 5.39 29.01 -27.76
N SER B 210 6.68 29.44 -27.62
CA SER B 210 7.11 30.74 -28.15
C SER B 210 6.81 30.87 -29.65
N ARG B 211 6.96 29.77 -30.40
CA ARG B 211 6.72 29.74 -31.85
C ARG B 211 5.23 29.84 -32.16
N ILE B 212 4.38 29.23 -31.32
CA ILE B 212 2.92 29.37 -31.46
C ILE B 212 2.56 30.85 -31.22
N LEU B 213 3.02 31.44 -30.12
CA LEU B 213 2.74 32.84 -29.78
C LEU B 213 3.28 33.80 -30.86
N GLN B 214 4.41 33.44 -31.50
CA GLN B 214 5.01 34.28 -32.52
C GLN B 214 4.23 34.23 -33.82
N GLU B 215 3.89 33.03 -34.30
CA GLU B 215 3.12 32.88 -35.56
C GLU B 215 1.76 33.58 -35.42
N LEU B 216 1.10 33.38 -34.28
CA LEU B 216 -0.20 34.00 -34.03
C LEU B 216 -0.14 35.50 -33.65
N GLY B 217 1.03 36.00 -33.30
CA GLY B 217 1.23 37.39 -32.92
C GLY B 217 0.49 37.72 -31.65
N LEU B 218 0.62 36.81 -30.68
CA LEU B 218 -0.09 36.89 -29.41
C LEU B 218 0.84 36.78 -28.20
N ASN B 219 0.38 37.22 -27.03
CA ASN B 219 1.14 37.01 -25.79
C ASN B 219 0.43 35.83 -25.02
N GLN B 220 0.90 35.45 -23.82
CA GLN B 220 0.28 34.30 -23.13
C GLN B 220 -1.14 34.55 -22.71
N GLU B 221 -1.41 35.73 -22.23
CA GLU B 221 -2.73 36.11 -21.77
C GLU B 221 -3.80 36.00 -22.88
N GLN B 222 -3.47 36.47 -24.06
CA GLN B 222 -4.37 36.38 -25.22
C GLN B 222 -4.52 34.95 -25.67
N PHE B 223 -3.42 34.18 -25.66
CA PHE B 223 -3.46 32.78 -26.05
C PHE B 223 -4.39 31.98 -25.13
N VAL B 224 -4.39 32.28 -23.81
CA VAL B 224 -5.29 31.59 -22.89
C VAL B 224 -6.76 31.93 -23.28
N ASP B 225 -7.03 33.20 -23.65
CA ASP B 225 -8.39 33.58 -24.05
C ASP B 225 -8.77 32.86 -25.37
N LEU B 226 -7.81 32.70 -26.28
CA LEU B 226 -8.04 31.93 -27.53
C LEU B 226 -8.44 30.47 -27.16
N CYS B 227 -7.68 29.85 -26.23
CA CYS B 227 -7.92 28.48 -25.78
C CYS B 227 -9.32 28.30 -25.15
N ILE B 228 -9.76 29.31 -24.42
CA ILE B 228 -11.12 29.30 -23.83
C ILE B 228 -12.17 29.33 -24.94
N LEU B 229 -11.91 30.10 -26.03
CA LEU B 229 -12.85 30.15 -27.16
C LEU B 229 -12.83 28.85 -27.97
N LEU B 230 -11.71 28.07 -27.93
CA LEU B 230 -11.59 26.79 -28.61
C LEU B 230 -12.44 25.74 -27.88
N GLY B 231 -12.28 25.65 -26.58
CA GLY B 231 -13.09 24.74 -25.77
C GLY B 231 -12.19 24.08 -24.77
N SER B 232 -12.20 24.61 -23.55
CA SER B 232 -11.42 24.07 -22.45
C SER B 232 -12.32 23.31 -21.47
N ASP B 233 -11.72 22.72 -20.43
CA ASP B 233 -12.49 22.00 -19.43
C ASP B 233 -12.78 22.83 -18.20
N TYR B 234 -12.43 24.15 -18.17
CA TYR B 234 -12.67 25.04 -17.00
C TYR B 234 -13.93 25.91 -17.15
N CYS B 235 -14.46 26.04 -18.37
CA CYS B 235 -15.61 26.88 -18.61
C CYS B 235 -16.14 26.65 -20.05
N GLU B 236 -17.29 27.24 -20.38
CA GLU B 236 -17.87 27.11 -21.70
C GLU B 236 -17.15 28.00 -22.75
N SER B 237 -17.39 27.72 -24.03
CA SER B 237 -16.91 28.51 -25.16
C SER B 237 -18.17 29.20 -25.73
N ILE B 238 -18.01 30.05 -26.75
CA ILE B 238 -19.16 30.70 -27.38
C ILE B 238 -19.51 29.84 -28.57
N ARG B 239 -20.74 29.30 -28.59
CA ARG B 239 -21.20 28.46 -29.69
C ARG B 239 -21.27 29.27 -30.96
N GLY B 240 -20.88 28.67 -32.07
CA GLY B 240 -20.95 29.32 -33.37
C GLY B 240 -19.65 29.98 -33.82
N ILE B 241 -18.69 30.18 -32.91
CA ILE B 241 -17.38 30.75 -33.27
C ILE B 241 -16.35 29.59 -33.36
N GLY B 242 -15.96 29.24 -34.59
CA GLY B 242 -15.01 28.16 -34.86
C GLY B 242 -13.57 28.56 -34.60
N PRO B 243 -12.64 27.57 -34.60
CA PRO B 243 -11.21 27.86 -34.29
C PRO B 243 -10.54 28.98 -35.07
N LYS B 244 -10.70 29.05 -36.39
CA LYS B 244 -10.06 30.11 -37.18
C LYS B 244 -10.66 31.46 -36.85
N ARG B 245 -11.97 31.53 -36.67
CA ARG B 245 -12.64 32.77 -36.30
C ARG B 245 -12.21 33.22 -34.89
N ALA B 246 -11.99 32.29 -33.98
CA ALA B 246 -11.54 32.58 -32.62
C ALA B 246 -10.14 33.20 -32.66
N VAL B 247 -9.24 32.71 -33.55
CA VAL B 247 -7.92 33.30 -33.73
C VAL B 247 -8.05 34.75 -34.24
N ASP B 248 -8.88 34.96 -35.26
CA ASP B 248 -9.06 36.28 -35.86
C ASP B 248 -9.62 37.28 -34.87
N LEU B 249 -10.58 36.84 -34.02
CA LEU B 249 -11.18 37.71 -33.01
C LEU B 249 -10.15 38.12 -31.93
N ILE B 250 -9.35 37.17 -31.49
CA ILE B 250 -8.35 37.43 -30.46
C ILE B 250 -7.20 38.29 -31.02
N GLN B 251 -6.84 38.10 -32.26
CA GLN B 251 -5.83 38.90 -32.93
C GLN B 251 -6.28 40.36 -33.03
N LYS B 252 -7.54 40.59 -33.35
CA LYS B 252 -8.06 41.96 -33.44
C LYS B 252 -8.35 42.60 -32.08
N HIS B 253 -9.15 41.93 -31.24
CA HIS B 253 -9.69 42.47 -30.00
C HIS B 253 -8.93 42.10 -28.73
N LYS B 254 -8.02 41.10 -28.81
CA LYS B 254 -7.12 40.73 -27.71
C LYS B 254 -7.73 40.02 -26.52
N SER B 255 -8.96 40.34 -26.12
CA SER B 255 -9.54 39.67 -24.93
C SER B 255 -10.99 39.23 -25.20
N ILE B 256 -11.50 38.27 -24.40
CA ILE B 256 -12.90 37.86 -24.51
C ILE B 256 -13.80 39.06 -24.15
N GLU B 257 -13.49 39.81 -23.09
CA GLU B 257 -14.26 41.01 -22.73
C GLU B 257 -14.47 41.98 -23.90
N GLU B 258 -13.42 42.25 -24.69
CA GLU B 258 -13.55 43.15 -25.86
C GLU B 258 -14.35 42.50 -26.95
N ILE B 259 -14.26 41.16 -27.12
CA ILE B 259 -15.03 40.47 -28.12
C ILE B 259 -16.52 40.54 -27.74
N VAL B 260 -16.84 40.25 -26.44
CA VAL B 260 -18.20 40.22 -25.88
C VAL B 260 -18.97 41.53 -26.11
N ARG B 261 -18.32 42.67 -25.89
CA ARG B 261 -18.89 43.99 -26.12
C ARG B 261 -19.41 44.16 -27.54
N ARG B 262 -18.83 43.41 -28.50
CA ARG B 262 -19.10 43.55 -29.92
C ARG B 262 -20.00 42.47 -30.53
N LEU B 263 -20.12 41.28 -29.90
CA LEU B 263 -20.92 40.21 -30.50
C LEU B 263 -22.38 40.59 -30.60
N ASP B 264 -23.01 40.23 -31.71
CA ASP B 264 -24.42 40.46 -31.89
C ASP B 264 -25.13 39.43 -30.98
N PRO B 265 -26.00 39.85 -30.03
CA PRO B 265 -26.64 38.85 -29.14
C PRO B 265 -27.66 37.95 -29.84
N ASN B 266 -28.16 38.36 -31.02
CA ASN B 266 -29.08 37.51 -31.79
C ASN B 266 -28.37 36.42 -32.58
N LYS B 267 -27.04 36.51 -32.73
CA LYS B 267 -26.25 35.54 -33.50
C LYS B 267 -25.30 34.75 -32.60
N TYR B 268 -24.57 35.46 -31.72
CA TYR B 268 -23.56 34.84 -30.86
C TYR B 268 -23.74 35.19 -29.40
N PRO B 269 -24.82 34.69 -28.76
CA PRO B 269 -24.96 34.92 -27.32
C PRO B 269 -23.86 34.17 -26.56
N VAL B 270 -23.47 34.71 -25.44
CA VAL B 270 -22.47 34.09 -24.60
C VAL B 270 -23.12 33.20 -23.56
N PRO B 271 -22.35 32.22 -23.03
CA PRO B 271 -22.90 31.38 -21.95
C PRO B 271 -23.43 32.18 -20.76
N GLU B 272 -24.45 31.65 -20.10
CA GLU B 272 -25.00 32.23 -18.88
C GLU B 272 -24.06 31.77 -17.74
N ASN B 273 -23.85 32.64 -16.72
CA ASN B 273 -22.97 32.32 -15.56
C ASN B 273 -21.58 31.85 -16.03
N TRP B 274 -21.08 32.54 -17.08
CA TRP B 274 -19.86 32.18 -17.75
C TRP B 274 -18.63 32.36 -16.87
N LEU B 275 -17.91 31.23 -16.63
CA LEU B 275 -16.73 31.22 -15.78
C LEU B 275 -15.43 31.55 -16.54
N HIS B 276 -15.52 32.34 -17.62
CA HIS B 276 -14.32 32.64 -18.42
C HIS B 276 -13.26 33.43 -17.64
N LYS B 277 -13.67 34.34 -16.72
CA LYS B 277 -12.66 35.12 -15.99
C LYS B 277 -11.86 34.23 -15.05
N GLU B 278 -12.57 33.31 -14.38
CA GLU B 278 -12.01 32.34 -13.44
C GLU B 278 -11.14 31.32 -14.19
N ALA B 279 -11.60 30.86 -15.37
CA ALA B 279 -10.80 29.94 -16.19
C ALA B 279 -9.50 30.68 -16.62
N HIS B 280 -9.63 31.93 -17.07
CA HIS B 280 -8.47 32.71 -17.50
C HIS B 280 -7.43 32.84 -16.38
N GLN B 281 -7.89 33.08 -15.16
CA GLN B 281 -7.01 33.28 -14.02
C GLN B 281 -6.38 31.96 -13.58
N LEU B 282 -7.13 30.84 -13.66
CA LEU B 282 -6.62 29.50 -13.34
C LEU B 282 -5.49 29.11 -14.31
N PHE B 283 -5.63 29.39 -15.62
CA PHE B 283 -4.54 29.00 -16.56
C PHE B 283 -3.29 29.90 -16.35
N LEU B 284 -3.54 31.20 -16.15
CA LEU B 284 -2.43 32.14 -15.98
C LEU B 284 -1.76 32.07 -14.62
N GLU B 285 -2.51 31.69 -13.59
CA GLU B 285 -1.97 31.58 -12.25
C GLU B 285 -2.39 30.27 -11.58
N PRO B 286 -1.95 29.14 -12.16
CA PRO B 286 -2.34 27.84 -11.61
C PRO B 286 -1.74 27.55 -10.27
N GLU B 287 -2.38 26.66 -9.54
CA GLU B 287 -1.85 26.19 -8.29
C GLU B 287 -0.86 25.10 -8.74
N VAL B 288 0.45 25.35 -8.52
CA VAL B 288 1.51 24.43 -8.95
C VAL B 288 2.54 24.21 -7.83
N LEU B 289 3.42 23.19 -8.01
CA LEU B 289 4.49 22.95 -7.07
C LEU B 289 5.50 24.07 -7.21
N ASP B 290 6.22 24.34 -6.14
CA ASP B 290 7.25 25.37 -6.16
C ASP B 290 8.53 24.72 -6.71
N PRO B 291 8.95 25.10 -7.94
CA PRO B 291 10.16 24.52 -8.54
C PRO B 291 11.45 24.71 -7.75
N GLU B 292 11.52 25.74 -6.90
CA GLU B 292 12.69 25.99 -6.04
C GLU B 292 12.84 24.91 -4.99
N SER B 293 11.74 24.27 -4.59
CA SER B 293 11.74 23.18 -3.60
C SER B 293 12.13 21.81 -4.18
N VAL B 294 12.38 21.74 -5.50
CA VAL B 294 12.66 20.48 -6.17
C VAL B 294 14.14 20.33 -6.47
N GLU B 295 14.69 19.16 -6.14
CA GLU B 295 16.05 18.80 -6.52
C GLU B 295 15.96 17.42 -7.14
N LEU B 296 16.08 17.36 -8.44
CA LEU B 296 15.91 16.09 -9.18
C LEU B 296 17.13 15.21 -9.16
N LYS B 297 16.93 13.97 -8.69
CA LYS B 297 18.00 12.99 -8.58
C LYS B 297 17.51 11.65 -9.07
N TRP B 298 18.41 10.94 -9.74
CA TRP B 298 18.13 9.60 -10.26
C TRP B 298 19.17 8.71 -9.61
N SER B 299 18.76 7.47 -9.27
CA SER B 299 19.65 6.49 -8.65
C SER B 299 19.57 5.12 -9.36
N GLU B 300 20.33 4.14 -8.89
CA GLU B 300 20.36 2.82 -9.49
C GLU B 300 19.17 2.01 -9.04
N PRO B 301 18.59 1.24 -9.97
CA PRO B 301 17.41 0.45 -9.59
C PRO B 301 17.75 -0.63 -8.58
N ASN B 302 16.84 -0.91 -7.66
CA ASN B 302 17.01 -1.97 -6.68
C ASN B 302 16.44 -3.24 -7.37
N GLU B 303 17.29 -3.98 -8.06
CA GLU B 303 16.92 -5.18 -8.81
C GLU B 303 16.11 -6.22 -8.01
N GLU B 304 16.61 -6.64 -6.83
CA GLU B 304 15.90 -7.66 -6.05
C GLU B 304 14.59 -7.16 -5.47
N GLU B 305 14.50 -5.88 -5.08
CA GLU B 305 13.22 -5.35 -4.60
C GLU B 305 12.23 -5.19 -5.74
N LEU B 306 12.70 -4.85 -6.95
CA LEU B 306 11.85 -4.78 -8.15
C LEU B 306 11.23 -6.16 -8.39
N ILE B 307 12.06 -7.23 -8.30
CA ILE B 307 11.59 -8.60 -8.44
C ILE B 307 10.58 -8.94 -7.34
N LYS B 308 10.87 -8.61 -6.08
CA LYS B 308 9.95 -8.92 -4.99
C LYS B 308 8.58 -8.27 -5.17
N PHE B 309 8.55 -7.00 -5.61
CA PHE B 309 7.29 -6.30 -5.78
C PHE B 309 6.55 -6.71 -7.08
N MET B 310 7.22 -6.63 -8.24
CA MET B 310 6.55 -6.93 -9.50
C MET B 310 6.23 -8.41 -9.64
N CYS B 311 7.12 -9.28 -9.23
CA CYS B 311 6.92 -10.73 -9.34
C CYS B 311 6.26 -11.32 -8.11
N GLY B 312 6.87 -11.20 -6.94
CA GLY B 312 6.31 -11.75 -5.72
C GLY B 312 4.90 -11.26 -5.40
N GLU B 313 4.72 -9.94 -5.35
CA GLU B 313 3.42 -9.37 -5.02
C GLU B 313 2.45 -9.24 -6.24
N LYS B 314 2.93 -8.78 -7.42
CA LYS B 314 2.04 -8.51 -8.55
C LYS B 314 1.93 -9.64 -9.59
N GLN B 315 2.68 -10.74 -9.40
CA GLN B 315 2.68 -11.94 -10.23
C GLN B 315 3.21 -11.75 -11.65
N PHE B 316 4.09 -10.75 -11.89
CA PHE B 316 4.75 -10.63 -13.19
C PHE B 316 5.83 -11.77 -13.26
N SER B 317 6.26 -12.16 -14.48
CA SER B 317 7.26 -13.23 -14.62
C SER B 317 8.66 -12.76 -14.22
N GLU B 318 9.40 -13.61 -13.50
CA GLU B 318 10.75 -13.32 -13.01
C GLU B 318 11.78 -13.00 -14.11
N GLU B 319 11.68 -13.65 -15.27
CA GLU B 319 12.61 -13.39 -16.37
C GLU B 319 12.33 -12.08 -17.12
N ARG B 320 11.04 -11.74 -17.35
CA ARG B 320 10.69 -10.50 -18.03
C ARG B 320 11.13 -9.27 -17.24
N ILE B 321 10.96 -9.30 -15.93
CA ILE B 321 11.35 -8.18 -15.08
C ILE B 321 12.87 -8.11 -14.95
N ARG B 322 13.55 -9.27 -14.85
CA ARG B 322 15.02 -9.29 -14.71
C ARG B 322 15.78 -8.72 -15.91
N SER B 323 15.27 -8.92 -17.13
CA SER B 323 15.95 -8.38 -18.32
C SER B 323 15.90 -6.85 -18.30
N GLY B 324 14.72 -6.31 -17.99
CA GLY B 324 14.48 -4.88 -17.92
C GLY B 324 15.39 -4.14 -16.98
N VAL B 325 15.80 -4.79 -15.87
CA VAL B 325 16.69 -4.14 -14.92
C VAL B 325 18.13 -4.00 -15.45
MG MG C . -8.26 -17.65 20.16
MG MG D . -6.92 -15.43 17.61
C1 EDO E . -10.18 -23.14 13.34
O1 EDO E . -10.21 -24.04 12.25
C2 EDO E . -8.77 -22.89 13.79
O2 EDO E . -8.06 -22.18 12.81
C4 A1JD4 F . -9.69 -14.10 22.19
C5 A1JD4 F . -9.70 -12.81 21.79
C7 A1JD4 F . -9.14 -10.97 20.30
C8 A1JD4 F . -9.57 -10.72 18.86
C17 A1JD4 F . -8.68 -14.62 19.93
C21 A1JD4 F . -8.88 -13.08 24.93
C22 A1JD4 F . -7.78 -13.89 25.17
C24 A1JD4 F . -6.40 -11.96 25.63
C26 A1JD4 F . -5.13 -9.97 26.03
C1 A1JD4 F . -10.87 -14.49 25.62
C2 A1JD4 F . -10.21 -13.69 24.52
O3 A1JD4 F . -9.99 -14.63 23.41
N6 A1JD4 F . -9.20 -12.41 20.58
C9 A1JD4 F . -9.36 -9.24 18.58
O10 A1JD4 F . -9.42 -8.95 17.19
C11 A1JD4 F . -8.37 -9.60 16.51
C12 A1JD4 F . -8.55 -11.09 16.56
N13 A1JD4 F . -8.73 -11.55 17.96
C14 A1JD4 F . -8.36 -12.82 18.28
O15 A1JD4 F . -7.83 -13.54 17.42
C16 A1JD4 F . -8.72 -13.29 19.62
O18 A1JD4 F . -8.24 -15.63 19.07
C19 A1JD4 F . -9.18 -15.10 21.26
O20 A1JD4 F . -9.17 -16.30 21.51
C23 A1JD4 F . -6.57 -13.35 25.50
C25 A1JD4 F . -5.19 -11.32 25.96
C27 A1JD4 F . -6.28 -9.21 25.79
N28 A1JD4 F . -7.45 -9.77 25.48
C29 A1JD4 F . -7.53 -11.14 25.40
C30 A1JD4 F . -8.77 -11.73 25.05
C31 A1JD4 F . -6.25 -7.71 25.87
H5 A1JD4 F . -10.14 -12.04 22.39
H7A A1JD4 F . -9.78 -10.39 20.96
H7B A1JD4 F . -8.10 -10.64 20.45
H8 A1JD4 F . -10.63 -11.00 18.74
H22 A1JD4 F . -7.85 -14.96 25.08
H26 A1JD4 F . -4.19 -9.48 26.29
H1A A1JD4 F . -11.84 -14.88 25.31
H1C A1JD4 F . -11.06 -13.88 26.51
H1B A1JD4 F . -10.25 -15.35 25.93
H2 A1JD4 F . -10.87 -12.88 24.24
H9B A1JD4 F . -10.15 -8.66 19.07
H9A A1JD4 F . -8.41 -8.86 18.98
H11B A1JD4 F . -7.40 -9.30 16.92
H11A A1JD4 F . -8.41 -9.27 15.47
H12B A1JD4 F . -7.71 -11.58 16.05
H12A A1JD4 F . -9.47 -11.37 16.03
H18 A1JD4 F . -8.33 -16.47 19.54
H23 A1JD4 F . -5.73 -14.03 25.68
H25 A1JD4 F . -4.29 -11.91 26.15
H30 A1JD4 F . -9.62 -11.07 24.89
H31B A1JD4 F . -6.74 -7.26 25.00
H31C A1JD4 F . -5.22 -7.35 25.91
H31A A1JD4 F . -6.76 -7.37 26.78
MG MG G . -5.89 18.95 -18.32
MG MG H . -4.22 16.47 -16.23
C1 EDO I . -3.81 23.79 -12.17
O1 EDO I . -3.07 23.23 -11.10
C2 EDO I . -4.90 24.81 -11.78
O2 EDO I . -4.78 25.33 -10.48
C4 A1JD4 J . -8.26 15.73 -19.77
C5 A1JD4 J . -8.38 14.46 -19.35
C7 A1JD4 J . -7.80 12.52 -18.00
C8 A1JD4 J . -7.86 12.28 -16.50
C17 A1JD4 J . -6.66 16.04 -17.84
C21 A1JD4 J . -8.40 14.63 -22.66
C22 A1JD4 J . -7.31 15.28 -23.25
C24 A1JD4 J . -6.41 13.18 -24.00
C26 A1JD4 J . -5.67 11.06 -24.83
C1 A1JD4 J . -10.27 16.32 -22.78
C2 A1JD4 J . -9.42 15.43 -21.89
O3 A1JD4 J . -8.72 16.30 -20.93
N6 A1JD4 J . -7.68 13.95 -18.28
C9 A1JD4 J . -7.71 10.78 -16.30
O10 A1JD4 J . -7.50 10.42 -14.94
C11 A1JD4 J . -6.28 10.99 -14.49
C12 A1JD4 J . -6.34 12.51 -14.49
N13 A1JD4 J . -6.73 12.98 -15.84
C14 A1JD4 J . -6.20 14.15 -16.32
O15 A1JD4 J . -5.28 14.69 -15.72
C16 A1JD4 J . -6.82 14.72 -17.50
O18 A1JD4 J . -5.89 16.92 -17.13
C19 A1JD4 J . -7.39 16.63 -19.01
O20 A1JD4 J . -7.23 17.84 -19.29
C23 A1JD4 J . -6.34 14.59 -23.89
C25 A1JD4 J . -5.49 12.41 -24.73
C27 A1JD4 J . -6.77 10.46 -24.21
N28 A1JD4 J . -7.66 11.16 -23.51
C29 A1JD4 J . -7.50 12.52 -23.41
C30 A1JD4 J . -8.50 13.26 -22.74
C31 A1JD4 J . -7.00 8.97 -24.31
H5 A1JD4 J . -9.06 13.75 -19.82
H7A A1JD4 J . -8.68 12.07 -18.46
H7B A1JD4 J . -6.92 12.03 -18.44
H8 A1JD4 J . -8.84 12.64 -16.13
H22 A1JD4 J . -7.21 16.36 -23.19
H26 A1JD4 J . -4.96 10.46 -25.40
H1A A1JD4 J . -11.05 16.82 -22.21
H1C A1JD4 J . -10.78 15.73 -23.55
H1B A1JD4 J . -9.67 17.08 -23.28
H2 A1JD4 J . -10.09 14.73 -21.40
H9B A1JD4 J . -8.62 10.27 -16.63
H9A A1JD4 J . -6.89 10.36 -16.90
H11B A1JD4 J . -5.44 10.62 -15.08
H11A A1JD4 J . -6.12 10.65 -13.45
H12B A1JD4 J . -5.38 12.93 -14.16
H12A A1JD4 J . -7.11 12.86 -13.81
H18 A1JD4 J . -5.94 17.77 -17.57
H23 A1JD4 J . -5.51 15.13 -24.34
H25 A1JD4 J . -4.64 12.86 -25.21
H30 A1JD4 J . -9.32 12.74 -22.28
H31B A1JD4 J . -7.84 8.67 -23.68
H31C A1JD4 J . -6.12 8.42 -24.00
H31A A1JD4 J . -7.22 8.71 -25.35
#